data_2YVV
#
_entry.id   2YVV
#
_cell.length_a   59.061
_cell.length_b   59.061
_cell.length_c   588.840
_cell.angle_alpha   90.00
_cell.angle_beta   90.00
_cell.angle_gamma   120.00
#
_symmetry.space_group_name_H-M   'H 3 2'
#
loop_
_entity.id
_entity.type
_entity.pdbx_description
1 polymer 'Hyaluronidase, phage associated'
2 branched beta-D-galactopyranose-(1-4)-alpha-D-glucopyranose
3 water water
#
_entity_poly.entity_id   1
_entity_poly.type   'polypeptide(L)'
_entity_poly.pdbx_seq_one_letter_code
;MSENIPLRVQFKRMKAAEWARSDVILLESEIGFETDTGFARAGDGHNRFSDLGYISPLDYNLLTNKPNIDGLATKVETAQ
KLQQKADKETVYTKAESKQELDKKLNLKGGVMTGQLKFKPAATVAYSSSTGGAVNIDLSSTRGAGVVVYSDNDTSDGPLM
SLRTGKETFNQSALFVDYKGTTNAVNIAMRQPTTPNFSSALNITSGNENGSAMQLRGSEKALGTLKITHENPSIGADYDK
NAAALSIDIVKKTNGAGTAAQGIYINSTSGTTGKLLRIRNLSDDKFYVKSDGGFYAKETSQIDGNLKLKDPTANDHAATK
AYVDKAISELKKLILKKH
;
_entity_poly.pdbx_strand_id   A
#
loop_
_chem_comp.id
_chem_comp.type
_chem_comp.name
_chem_comp.formula
GAL D-saccharide, beta linking beta-D-galactopyranose 'C6 H12 O6'
GLC D-saccharide, alpha linking alpha-D-glucopyranose 'C6 H12 O6'
#
# COMPACT_ATOMS: atom_id res chain seq x y z
N LEU A 7 -79.95 -84.31 -16.87
CA LEU A 7 -80.09 -82.99 -16.19
C LEU A 7 -79.32 -81.87 -16.89
N ARG A 8 -80.04 -80.88 -17.43
CA ARG A 8 -79.45 -79.59 -17.71
C ARG A 8 -80.04 -78.68 -16.63
N VAL A 9 -79.25 -78.34 -15.63
CA VAL A 9 -79.79 -77.55 -14.55
C VAL A 9 -79.81 -76.05 -14.88
N GLN A 10 -80.94 -75.40 -14.62
CA GLN A 10 -81.01 -73.94 -14.62
C GLN A 10 -81.39 -73.40 -13.24
N PHE A 11 -81.02 -72.14 -12.98
CA PHE A 11 -81.21 -71.56 -11.65
C PHE A 11 -82.18 -70.35 -11.58
N LYS A 12 -82.73 -70.11 -10.40
CA LYS A 12 -83.50 -68.89 -10.17
C LYS A 12 -82.65 -67.77 -10.79
N ARG A 13 -83.25 -66.89 -11.56
CA ARG A 13 -82.41 -65.87 -12.20
C ARG A 13 -83.19 -64.65 -12.58
N MET A 14 -82.51 -63.50 -12.56
CA MET A 14 -83.05 -62.25 -13.00
C MET A 14 -81.88 -61.27 -13.04
N LYS A 15 -82.15 -60.01 -13.34
CA LYS A 15 -81.10 -59.00 -13.41
C LYS A 15 -80.66 -58.56 -12.02
N ALA A 16 -79.43 -58.06 -11.95
CA ALA A 16 -78.86 -57.68 -10.66
C ALA A 16 -79.78 -56.71 -9.94
N ALA A 17 -80.25 -55.70 -10.68
CA ALA A 17 -81.09 -54.66 -10.08
C ALA A 17 -82.44 -55.22 -9.67
N GLU A 18 -82.89 -56.31 -10.31
CA GLU A 18 -84.17 -56.93 -9.93
C GLU A 18 -84.07 -57.81 -8.69
N TRP A 19 -82.97 -58.57 -8.60
CA TRP A 19 -82.57 -59.24 -7.36
C TRP A 19 -82.52 -58.22 -6.20
N ALA A 20 -81.88 -57.08 -6.50
CA ALA A 20 -81.64 -56.01 -5.56
C ALA A 20 -82.87 -55.64 -4.72
N ARG A 21 -84.04 -55.94 -5.27
CA ARG A 21 -85.26 -55.65 -4.57
C ARG A 21 -86.21 -56.85 -4.55
N SER A 22 -85.66 -58.06 -4.71
CA SER A 22 -86.45 -59.25 -4.51
C SER A 22 -86.45 -59.59 -3.03
N ASP A 23 -87.49 -60.32 -2.62
CA ASP A 23 -87.65 -60.73 -1.23
C ASP A 23 -87.48 -62.25 -1.16
N VAL A 24 -87.06 -62.83 -2.28
CA VAL A 24 -86.74 -64.22 -2.37
C VAL A 24 -85.53 -64.58 -1.47
N ILE A 25 -85.66 -65.61 -0.64
CA ILE A 25 -84.52 -66.04 0.16
C ILE A 25 -83.96 -67.33 -0.42
N LEU A 26 -82.77 -67.28 -1.00
CA LEU A 26 -82.15 -68.54 -1.44
C LEU A 26 -81.93 -69.47 -0.27
N LEU A 27 -82.18 -70.77 -0.48
CA LEU A 27 -81.86 -71.80 0.53
C LEU A 27 -80.37 -71.85 0.78
N GLU A 28 -79.95 -72.46 1.87
CA GLU A 28 -78.51 -72.54 2.10
C GLU A 28 -77.83 -73.27 0.91
N SER A 29 -76.82 -72.62 0.31
CA SER A 29 -76.12 -73.14 -0.89
C SER A 29 -76.89 -73.15 -2.24
N GLU A 30 -78.18 -72.76 -2.25
CA GLU A 30 -78.90 -72.67 -3.52
C GLU A 30 -78.36 -71.53 -4.38
N ILE A 31 -78.01 -71.83 -5.62
CA ILE A 31 -77.43 -70.81 -6.46
C ILE A 31 -78.48 -69.92 -7.14
N GLY A 32 -78.18 -68.63 -7.16
CA GLY A 32 -78.93 -67.68 -7.95
C GLY A 32 -78.06 -66.88 -8.91
N PHE A 33 -78.63 -66.56 -10.06
CA PHE A 33 -77.84 -66.05 -11.17
C PHE A 33 -78.22 -64.64 -11.60
N GLU A 34 -77.26 -63.73 -11.71
CA GLU A 34 -77.53 -62.38 -12.24
C GLU A 34 -77.33 -62.42 -13.77
N THR A 35 -78.45 -62.42 -14.48
CA THR A 35 -78.47 -62.57 -15.93
C THR A 35 -77.69 -61.50 -16.73
N ASP A 36 -77.54 -60.29 -16.19
CA ASP A 36 -76.81 -59.24 -16.92
C ASP A 36 -75.33 -59.09 -16.55
N THR A 37 -74.91 -59.76 -15.49
CA THR A 37 -73.51 -59.68 -15.07
C THR A 37 -72.82 -61.01 -15.32
N GLY A 38 -73.59 -62.10 -15.33
CA GLY A 38 -73.02 -63.45 -15.38
C GLY A 38 -72.68 -64.02 -13.98
N PHE A 39 -72.82 -63.20 -12.95
CA PHE A 39 -72.44 -63.60 -11.61
C PHE A 39 -73.50 -64.45 -10.89
N ALA A 40 -73.01 -65.44 -10.13
CA ALA A 40 -73.86 -66.21 -9.22
C ALA A 40 -73.63 -65.76 -7.78
N ARG A 41 -74.60 -66.05 -6.91
CA ARG A 41 -74.40 -65.92 -5.47
C ARG A 41 -75.13 -67.09 -4.89
N ALA A 42 -74.71 -67.53 -3.72
CA ALA A 42 -75.31 -68.71 -3.07
C ALA A 42 -76.00 -68.32 -1.77
N GLY A 43 -77.12 -68.99 -1.50
CA GLY A 43 -77.93 -68.71 -0.33
C GLY A 43 -77.28 -69.08 0.99
N ASP A 44 -77.62 -68.33 2.02
CA ASP A 44 -77.35 -68.72 3.40
C ASP A 44 -78.61 -69.10 4.15
N GLY A 45 -79.79 -68.92 3.54
CA GLY A 45 -81.01 -69.40 4.18
C GLY A 45 -81.74 -68.25 4.89
N HIS A 46 -81.05 -67.11 5.00
CA HIS A 46 -81.72 -65.96 5.60
C HIS A 46 -81.60 -64.63 4.84
N ASN A 47 -80.41 -64.25 4.41
CA ASN A 47 -80.20 -62.98 3.71
C ASN A 47 -80.85 -62.85 2.34
N ARG A 48 -81.32 -61.65 2.02
CA ARG A 48 -81.77 -61.35 0.67
C ARG A 48 -80.57 -61.40 -0.28
N PHE A 49 -80.86 -61.56 -1.58
CA PHE A 49 -79.81 -61.69 -2.59
C PHE A 49 -78.69 -60.66 -2.47
N SER A 50 -79.05 -59.39 -2.45
CA SER A 50 -78.05 -58.30 -2.39
C SER A 50 -77.14 -58.38 -1.17
N ASP A 51 -77.49 -59.22 -0.18
CA ASP A 51 -76.62 -59.36 1.02
C ASP A 51 -75.74 -60.63 1.04
N LEU A 52 -75.86 -61.45 0.01
CA LEU A 52 -75.00 -62.59 -0.17
C LEU A 52 -73.73 -62.13 -0.86
N GLY A 53 -72.65 -62.85 -0.65
CA GLY A 53 -71.41 -62.53 -1.34
C GLY A 53 -71.31 -63.45 -2.53
N TYR A 54 -70.44 -63.10 -3.46
CA TYR A 54 -70.22 -63.95 -4.63
C TYR A 54 -69.70 -65.37 -4.26
N ILE A 55 -69.86 -66.33 -5.18
CA ILE A 55 -69.50 -67.70 -4.86
C ILE A 55 -68.00 -67.98 -4.90
N SER A 56 -67.19 -66.91 -5.01
CA SER A 56 -65.73 -67.04 -5.16
C SER A 56 -65.04 -65.82 -4.57
N PRO A 57 -63.84 -65.99 -3.98
CA PRO A 57 -63.16 -64.89 -3.26
C PRO A 57 -62.84 -63.62 -4.04
N LEU A 58 -62.95 -62.49 -3.35
CA LEU A 58 -62.67 -61.14 -3.89
C LEU A 58 -61.74 -60.35 -2.96
N ASP A 59 -60.66 -61.01 -2.55
CA ASP A 59 -59.74 -60.52 -1.53
C ASP A 59 -58.39 -60.46 -2.18
N TYR A 60 -57.83 -59.26 -2.27
CA TYR A 60 -56.54 -59.04 -2.90
C TYR A 60 -55.48 -60.04 -2.40
N ASN A 61 -55.53 -60.39 -1.13
CA ASN A 61 -54.53 -61.26 -0.51
C ASN A 61 -54.52 -62.73 -0.99
N LEU A 62 -55.59 -63.15 -1.66
CA LEU A 62 -55.70 -64.52 -2.17
C LEU A 62 -55.32 -64.62 -3.65
N LEU A 63 -55.08 -63.47 -4.29
CA LEU A 63 -54.72 -63.41 -5.71
C LEU A 63 -53.40 -64.07 -5.96
N THR A 64 -53.16 -64.43 -7.21
CA THR A 64 -51.84 -64.89 -7.65
C THR A 64 -51.33 -63.88 -8.66
N ASN A 65 -50.03 -63.95 -8.95
CA ASN A 65 -49.34 -62.96 -9.75
C ASN A 65 -49.53 -61.55 -9.24
N LYS A 66 -49.50 -61.39 -7.92
CA LYS A 66 -49.56 -60.06 -7.33
C LYS A 66 -48.38 -59.23 -7.83
N PRO A 67 -48.58 -57.91 -7.95
CA PRO A 67 -47.43 -57.05 -8.18
C PRO A 67 -46.68 -56.76 -6.87
N ASN A 68 -45.43 -56.36 -7.00
CA ASN A 68 -44.58 -56.07 -5.84
C ASN A 68 -44.92 -54.71 -5.21
N ILE A 69 -45.99 -54.65 -4.43
CA ILE A 69 -46.42 -53.39 -3.87
C ILE A 69 -45.37 -52.86 -2.90
N ASP A 70 -44.68 -53.78 -2.26
CA ASP A 70 -43.75 -53.42 -1.21
C ASP A 70 -42.49 -52.81 -1.79
N GLY A 71 -42.19 -53.12 -3.06
CA GLY A 71 -41.03 -52.54 -3.73
C GLY A 71 -41.23 -51.10 -4.21
N LEU A 72 -42.45 -50.60 -4.09
CA LEU A 72 -42.80 -49.32 -4.68
C LEU A 72 -42.64 -48.22 -3.64
N ALA A 73 -42.25 -47.06 -4.10
CA ALA A 73 -41.99 -45.93 -3.24
C ALA A 73 -43.28 -45.20 -2.86
N THR A 74 -43.38 -44.79 -1.59
CA THR A 74 -44.53 -44.05 -1.09
C THR A 74 -44.25 -42.57 -1.24
N LYS A 75 -45.32 -41.80 -1.45
CA LYS A 75 -45.21 -40.34 -1.56
C LYS A 75 -44.59 -39.78 -0.30
N VAL A 76 -45.00 -40.28 0.86
CA VAL A 76 -44.47 -39.76 2.11
C VAL A 76 -42.97 -39.98 2.19
N GLU A 77 -42.57 -41.22 2.02
CA GLU A 77 -41.17 -41.54 2.14
C GLU A 77 -40.29 -40.86 1.04
N THR A 78 -40.82 -40.69 -0.18
CA THR A 78 -40.08 -39.98 -1.19
C THR A 78 -39.90 -38.53 -0.79
N ALA A 79 -41.00 -37.89 -0.41
CA ALA A 79 -40.95 -36.48 0.07
C ALA A 79 -39.96 -36.26 1.21
N GLN A 80 -39.93 -37.16 2.18
CA GLN A 80 -38.92 -37.04 3.25
C GLN A 80 -37.52 -37.08 2.66
N LYS A 81 -37.30 -37.98 1.71
CA LYS A 81 -35.98 -38.05 1.11
C LYS A 81 -35.68 -36.80 0.30
N LEU A 82 -36.67 -36.24 -0.41
CA LEU A 82 -36.44 -35.02 -1.20
C LEU A 82 -36.13 -33.82 -0.33
N GLN A 83 -36.65 -33.84 0.90
CA GLN A 83 -36.51 -32.70 1.78
C GLN A 83 -35.06 -32.54 2.25
N GLN A 84 -34.26 -33.60 2.15
CA GLN A 84 -32.86 -33.46 2.54
C GLN A 84 -32.02 -32.94 1.40
N LYS A 85 -32.55 -32.94 0.19
CA LYS A 85 -31.78 -32.54 -0.99
C LYS A 85 -31.87 -31.06 -1.22
N ALA A 86 -30.79 -30.46 -1.69
CA ALA A 86 -30.75 -29.01 -2.03
C ALA A 86 -31.43 -28.66 -3.36
N ASP A 87 -32.34 -27.69 -3.31
CA ASP A 87 -33.04 -27.19 -4.51
C ASP A 87 -32.07 -26.43 -5.38
N LYS A 88 -32.17 -26.64 -6.71
CA LYS A 88 -31.37 -25.92 -7.71
C LYS A 88 -31.29 -24.42 -7.47
N GLU A 89 -32.45 -23.82 -7.21
CA GLU A 89 -32.54 -22.36 -7.14
C GLU A 89 -31.83 -21.72 -5.93
N THR A 90 -31.70 -22.45 -4.82
CA THR A 90 -31.02 -21.93 -3.62
C THR A 90 -29.49 -22.21 -3.55
N VAL A 91 -28.83 -22.43 -4.68
CA VAL A 91 -27.48 -22.97 -4.61
C VAL A 91 -26.71 -22.67 -5.90
N TYR A 92 -25.45 -22.25 -5.78
CA TYR A 92 -24.64 -21.97 -6.96
C TYR A 92 -24.12 -23.24 -7.55
N THR A 93 -24.15 -23.27 -8.89
CA THR A 93 -23.50 -24.28 -9.70
C THR A 93 -21.98 -24.09 -9.52
N LYS A 94 -21.19 -25.08 -9.94
CA LYS A 94 -19.73 -24.96 -9.96
C LYS A 94 -19.33 -23.79 -10.83
N ALA A 95 -19.96 -23.66 -12.00
CA ALA A 95 -19.60 -22.56 -12.89
C ALA A 95 -19.82 -21.19 -12.25
N GLU A 96 -21.02 -20.90 -11.74
CA GLU A 96 -21.22 -19.62 -11.07
C GLU A 96 -20.31 -19.44 -9.83
N SER A 97 -19.87 -20.53 -9.22
CA SER A 97 -18.99 -20.43 -8.05
C SER A 97 -17.63 -19.91 -8.47
N LYS A 98 -17.13 -20.45 -9.58
CA LYS A 98 -15.82 -20.15 -10.10
C LYS A 98 -15.80 -18.73 -10.67
N GLN A 99 -16.90 -18.35 -11.31
CA GLN A 99 -17.11 -17.00 -11.86
C GLN A 99 -17.01 -15.92 -10.76
N GLU A 100 -17.59 -16.22 -9.59
CA GLU A 100 -17.52 -15.34 -8.45
C GLU A 100 -16.11 -15.31 -7.84
N LEU A 101 -15.49 -16.49 -7.70
CA LEU A 101 -14.16 -16.63 -7.10
C LEU A 101 -13.03 -16.03 -7.93
N ASP A 102 -13.23 -15.96 -9.24
CA ASP A 102 -12.22 -15.43 -10.12
C ASP A 102 -12.16 -13.92 -10.03
N LYS A 103 -13.21 -13.32 -9.47
CA LYS A 103 -13.21 -11.88 -9.19
C LYS A 103 -12.46 -11.47 -7.89
N LYS A 104 -12.06 -12.47 -7.10
CA LYS A 104 -11.42 -12.23 -5.82
C LYS A 104 -9.92 -12.45 -5.95
N LEU A 105 -9.15 -11.84 -5.04
CA LEU A 105 -7.69 -11.88 -5.09
C LEU A 105 -7.13 -13.06 -4.32
N ASN A 106 -6.24 -13.81 -4.96
CA ASN A 106 -5.60 -14.94 -4.33
C ASN A 106 -4.50 -14.43 -3.40
N LEU A 107 -4.37 -15.05 -2.23
CA LEU A 107 -3.20 -14.80 -1.39
C LEU A 107 -1.89 -15.16 -2.11
N LYS A 108 -1.92 -16.14 -3.02
CA LYS A 108 -0.75 -16.47 -3.84
C LYS A 108 -0.33 -15.30 -4.75
N GLY A 109 -1.28 -14.40 -5.04
CA GLY A 109 -0.95 -13.27 -5.88
C GLY A 109 -1.99 -13.05 -6.95
N GLY A 110 -1.91 -11.90 -7.58
CA GLY A 110 -2.90 -11.50 -8.56
C GLY A 110 -2.72 -10.06 -9.00
N VAL A 111 -3.62 -9.60 -9.87
CA VAL A 111 -3.53 -8.28 -10.53
C VAL A 111 -4.76 -7.42 -10.23
N MET A 112 -4.55 -6.29 -9.56
CA MET A 112 -5.65 -5.41 -9.21
C MET A 112 -5.86 -4.47 -10.36
N THR A 113 -7.12 -4.24 -10.73
CA THR A 113 -7.44 -3.32 -11.80
C THR A 113 -8.13 -2.10 -11.24
N GLY A 114 -8.39 -2.11 -9.95
CA GLY A 114 -9.01 -0.96 -9.32
C GLY A 114 -8.31 -0.55 -8.05
N GLN A 115 -8.90 0.42 -7.36
CA GLN A 115 -8.26 1.02 -6.20
C GLN A 115 -8.38 0.16 -4.93
N LEU A 116 -7.26 -0.04 -4.24
CA LEU A 116 -7.25 -0.69 -2.94
C LEU A 116 -7.18 0.39 -1.87
N LYS A 117 -8.24 0.59 -1.09
CA LYS A 117 -8.19 1.58 -0.01
C LYS A 117 -7.93 0.92 1.33
N PHE A 118 -7.24 1.59 2.22
CA PHE A 118 -7.17 1.12 3.59
C PHE A 118 -7.81 2.16 4.48
N LYS A 119 -8.59 1.68 5.44
CA LYS A 119 -9.11 2.54 6.48
C LYS A 119 -9.07 1.64 7.67
N PRO A 120 -7.92 1.58 8.35
CA PRO A 120 -7.85 0.70 9.49
C PRO A 120 -8.88 1.08 10.56
N ALA A 121 -9.51 0.07 11.17
CA ALA A 121 -10.31 0.26 12.39
C ALA A 121 -9.38 0.43 13.61
N ALA A 122 -8.17 -0.16 13.53
CA ALA A 122 -7.09 0.04 14.51
C ALA A 122 -7.29 -0.68 15.84
N THR A 123 -6.75 -1.90 15.94
CA THR A 123 -6.66 -2.60 17.23
C THR A 123 -5.70 -1.78 18.08
N VAL A 124 -4.55 -1.50 17.49
CA VAL A 124 -3.54 -0.58 18.02
C VAL A 124 -2.68 -0.26 16.78
N ALA A 125 -2.84 -1.12 15.76
CA ALA A 125 -1.97 -1.18 14.56
C ALA A 125 -0.47 -1.40 14.82
N TYR A 126 -0.20 -1.85 16.05
CA TYR A 126 1.14 -2.08 16.62
C TYR A 126 2.14 -0.91 16.58
N SER A 127 3.43 -1.26 16.58
CA SER A 127 4.52 -0.29 16.72
C SER A 127 5.63 -1.17 16.10
N SER A 128 6.67 -0.52 15.56
CA SER A 128 7.81 -1.19 14.88
C SER A 128 7.66 -2.09 13.65
N SER A 129 8.43 -3.17 13.61
CA SER A 129 8.44 -4.12 12.48
C SER A 129 7.28 -5.15 12.49
N THR A 130 6.11 -4.73 12.99
CA THR A 130 4.92 -5.60 13.00
C THR A 130 3.61 -4.78 12.91
N GLY A 131 3.75 -3.48 12.66
CA GLY A 131 2.63 -2.57 12.50
C GLY A 131 2.39 -2.16 11.05
N GLY A 132 1.49 -1.22 10.85
CA GLY A 132 1.22 -0.69 9.52
C GLY A 132 0.05 -1.35 8.81
N ALA A 133 -0.67 -0.56 8.01
CA ALA A 133 -1.79 -1.11 7.27
C ALA A 133 -1.26 -2.07 6.22
N VAL A 134 -0.09 -1.75 5.68
CA VAL A 134 0.61 -2.62 4.75
C VAL A 134 1.93 -2.97 5.41
N ASN A 135 2.20 -4.25 5.57
CA ASN A 135 3.37 -4.66 6.31
C ASN A 135 4.16 -5.65 5.50
N ILE A 136 5.36 -5.27 5.08
CA ILE A 136 6.15 -6.08 4.17
C ILE A 136 7.47 -6.48 4.79
N ASP A 137 7.69 -7.79 4.89
CA ASP A 137 8.85 -8.35 5.57
C ASP A 137 9.65 -9.08 4.51
N LEU A 138 10.80 -8.54 4.16
CA LEU A 138 11.63 -9.17 3.13
C LEU A 138 12.80 -9.96 3.73
N SER A 139 12.74 -10.20 5.05
CA SER A 139 13.80 -10.93 5.77
C SER A 139 14.26 -12.26 5.18
N SER A 140 13.41 -12.97 4.44
CA SER A 140 13.81 -14.28 3.89
C SER A 140 13.80 -14.31 2.37
N THR A 141 13.95 -13.15 1.72
CA THR A 141 13.82 -13.07 0.25
C THR A 141 14.77 -12.02 -0.34
N ARG A 142 15.00 -12.05 -1.65
CA ARG A 142 15.97 -11.14 -2.26
C ARG A 142 15.35 -10.11 -3.21
N GLY A 143 14.03 -10.04 -3.23
CA GLY A 143 13.36 -9.03 -4.04
C GLY A 143 13.06 -7.71 -3.36
N ALA A 144 12.56 -6.76 -4.13
CA ALA A 144 12.25 -5.46 -3.63
C ALA A 144 10.95 -5.47 -2.84
N GLY A 145 10.72 -4.46 -2.01
CA GLY A 145 9.44 -4.31 -1.28
C GLY A 145 8.31 -3.68 -2.10
N VAL A 146 8.39 -2.38 -2.36
CA VAL A 146 7.34 -1.62 -3.04
C VAL A 146 7.93 -1.03 -4.30
N VAL A 147 7.40 -1.41 -5.46
CA VAL A 147 8.04 -1.04 -6.72
C VAL A 147 7.03 -0.29 -7.53
N VAL A 148 7.22 1.01 -7.65
CA VAL A 148 6.26 1.87 -8.33
C VAL A 148 6.94 2.49 -9.52
N TYR A 149 6.30 2.46 -10.67
CA TYR A 149 6.97 3.12 -11.79
C TYR A 149 5.98 3.52 -12.81
N SER A 150 6.41 4.40 -13.68
CA SER A 150 5.57 4.79 -14.76
C SER A 150 6.42 5.05 -15.96
N ASP A 151 5.96 4.54 -17.11
CA ASP A 151 6.53 4.91 -18.40
C ASP A 151 5.59 5.76 -19.24
N ASN A 152 4.68 6.46 -18.57
CA ASN A 152 3.72 7.32 -19.23
C ASN A 152 4.36 8.66 -19.56
N ASP A 153 3.82 9.37 -20.54
CA ASP A 153 4.51 10.55 -20.98
C ASP A 153 4.29 11.66 -20.00
N THR A 154 3.07 11.71 -19.47
CA THR A 154 2.66 12.73 -18.51
C THR A 154 1.62 12.13 -17.57
N SER A 155 1.25 12.85 -16.53
CA SER A 155 0.33 12.33 -15.55
C SER A 155 -0.27 13.43 -14.71
N ASP A 156 -1.26 13.13 -13.91
CA ASP A 156 -1.79 14.10 -12.96
C ASP A 156 -1.37 13.90 -11.52
N GLY A 157 -0.60 12.86 -11.23
CA GLY A 157 -0.28 12.57 -9.84
C GLY A 157 1.10 11.98 -9.71
N PRO A 158 1.69 12.12 -8.53
CA PRO A 158 3.04 11.59 -8.28
C PRO A 158 3.05 10.07 -8.21
N LEU A 159 4.21 9.45 -8.31
CA LEU A 159 4.27 8.01 -8.04
C LEU A 159 3.86 7.71 -6.58
N MET A 160 4.32 8.53 -5.64
CA MET A 160 4.06 8.31 -4.23
C MET A 160 3.82 9.67 -3.58
N SER A 161 2.78 9.74 -2.76
CA SER A 161 2.41 10.96 -2.08
C SER A 161 2.15 10.73 -0.55
N LEU A 162 2.82 11.52 0.29
CA LEU A 162 2.66 11.46 1.74
C LEU A 162 2.16 12.80 2.32
N ARG A 163 1.00 12.79 2.97
CA ARG A 163 0.38 14.04 3.44
C ARG A 163 -0.08 13.93 4.90
N THR A 164 0.26 14.94 5.68
CA THR A 164 -0.34 15.06 7.01
C THR A 164 -1.08 16.39 7.15
N GLY A 165 -2.30 16.34 7.67
CA GLY A 165 -3.18 17.51 7.64
C GLY A 165 -3.24 18.36 8.92
N LYS A 166 -2.73 17.88 10.04
CA LYS A 166 -2.91 18.65 11.30
C LYS A 166 -1.61 19.10 11.91
N GLU A 167 -1.57 20.35 12.36
CA GLU A 167 -0.35 20.92 12.88
C GLU A 167 0.22 20.30 14.15
N THR A 168 -0.58 19.48 14.83
CA THR A 168 -0.08 18.79 16.00
C THR A 168 0.57 17.46 15.66
N PHE A 169 0.36 16.99 14.44
CA PHE A 169 0.83 15.67 14.04
C PHE A 169 2.26 15.44 14.51
N ASN A 170 2.46 14.36 15.24
CA ASN A 170 3.67 14.22 16.01
C ASN A 170 4.57 13.04 15.61
N GLN A 171 4.36 12.54 14.39
CA GLN A 171 5.21 11.53 13.73
C GLN A 171 5.75 12.08 12.40
N SER A 172 6.70 11.37 11.80
CA SER A 172 7.25 11.80 10.51
C SER A 172 6.37 11.30 9.37
N ALA A 173 6.46 11.95 8.22
CA ALA A 173 5.80 11.43 7.08
C ALA A 173 6.56 10.18 6.63
N LEU A 174 7.89 10.28 6.60
CA LEU A 174 8.74 9.18 6.18
C LEU A 174 9.90 8.97 7.14
N PHE A 175 10.04 7.74 7.64
CA PHE A 175 11.14 7.41 8.54
C PHE A 175 12.05 6.32 7.95
N VAL A 176 13.35 6.60 7.79
CA VAL A 176 14.30 5.63 7.28
C VAL A 176 15.31 5.26 8.35
N ASP A 177 15.27 3.99 8.74
CA ASP A 177 16.15 3.48 9.79
C ASP A 177 17.05 2.45 9.10
N TYR A 178 18.30 2.81 8.83
CA TYR A 178 19.04 2.01 7.89
C TYR A 178 20.30 1.44 8.46
N LYS A 179 20.51 0.15 8.23
CA LYS A 179 21.83 -0.49 8.44
C LYS A 179 22.20 -1.15 7.15
N GLY A 180 23.46 -1.08 6.72
CA GLY A 180 23.84 -1.77 5.48
C GLY A 180 25.13 -1.24 4.91
N THR A 181 25.40 -1.55 3.66
CA THR A 181 26.69 -1.24 3.10
C THR A 181 26.66 -0.32 1.87
N THR A 182 25.47 0.02 1.37
CA THR A 182 25.34 1.05 0.35
C THR A 182 24.59 2.29 0.91
N ASN A 183 24.09 3.18 0.07
CA ASN A 183 23.38 4.39 0.53
C ASN A 183 21.97 4.12 1.01
N ALA A 184 21.61 4.58 2.20
CA ALA A 184 20.25 4.37 2.72
C ALA A 184 19.25 4.87 1.69
N VAL A 185 19.48 6.05 1.16
CA VAL A 185 18.54 6.69 0.24
C VAL A 185 19.34 7.25 -0.91
N ASN A 186 18.87 6.97 -2.12
CA ASN A 186 19.62 7.28 -3.32
C ASN A 186 18.69 7.85 -4.39
N ILE A 187 19.05 9.03 -4.88
CA ILE A 187 18.21 9.73 -5.86
C ILE A 187 19.06 10.00 -7.08
N ALA A 188 18.68 9.37 -8.18
CA ALA A 188 19.44 9.52 -9.43
C ALA A 188 18.56 10.34 -10.38
N MET A 189 19.03 11.50 -10.78
CA MET A 189 18.30 12.22 -11.81
C MET A 189 19.11 12.18 -13.10
N ARG A 190 18.76 11.18 -13.91
CA ARG A 190 19.43 10.78 -15.15
C ARG A 190 19.61 11.92 -16.14
N GLN A 191 20.77 11.98 -16.80
CA GLN A 191 20.99 13.04 -17.79
C GLN A 191 19.84 13.28 -18.80
N PRO A 192 19.08 14.38 -18.61
CA PRO A 192 17.96 14.81 -19.46
C PRO A 192 18.23 15.00 -20.96
N THR A 193 17.23 14.64 -21.78
CA THR A 193 17.20 14.93 -23.23
C THR A 193 16.32 16.16 -23.49
N THR A 194 15.18 16.22 -22.80
CA THR A 194 14.33 17.42 -22.77
C THR A 194 14.42 18.04 -21.34
N PRO A 195 14.92 19.28 -21.22
CA PRO A 195 15.59 19.61 -19.94
C PRO A 195 14.65 20.13 -18.86
N ASN A 196 14.77 19.59 -17.66
CA ASN A 196 13.97 20.17 -16.60
C ASN A 196 14.72 21.31 -15.89
N PHE A 197 13.93 22.30 -15.47
CA PHE A 197 14.43 23.46 -14.74
C PHE A 197 14.18 23.26 -13.27
N SER A 198 14.53 22.10 -12.77
CA SER A 198 14.03 21.67 -11.50
C SER A 198 15.26 20.77 -11.35
N SER A 199 15.26 19.84 -10.40
CA SER A 199 16.02 19.34 -9.25
C SER A 199 15.75 17.90 -8.88
N ALA A 200 16.81 17.22 -8.48
CA ALA A 200 16.65 15.90 -7.94
C ALA A 200 15.84 16.00 -6.64
N LEU A 201 16.15 16.93 -5.76
CA LEU A 201 15.48 17.02 -4.48
C LEU A 201 15.17 18.47 -4.18
N ASN A 202 13.91 18.73 -3.87
CA ASN A 202 13.51 20.13 -3.62
C ASN A 202 12.79 20.25 -2.30
N ILE A 203 13.24 21.18 -1.48
CA ILE A 203 12.72 21.31 -0.14
C ILE A 203 12.35 22.75 0.13
N THR A 204 11.13 22.98 0.61
CA THR A 204 10.74 24.30 1.10
C THR A 204 10.12 24.18 2.47
N SER A 205 10.48 25.09 3.36
CA SER A 205 9.85 25.16 4.64
C SER A 205 9.42 26.59 4.92
N GLY A 206 8.21 26.78 5.44
CA GLY A 206 7.82 28.11 5.93
C GLY A 206 7.96 28.20 7.44
N ASN A 207 8.67 27.25 8.06
CA ASN A 207 8.78 27.18 9.50
C ASN A 207 9.89 28.09 10.07
N GLU A 208 9.52 29.10 10.85
CA GLU A 208 10.56 30.02 11.31
C GLU A 208 11.32 29.53 12.55
N ASN A 209 10.86 28.43 13.15
CA ASN A 209 11.55 27.93 14.36
C ASN A 209 12.39 26.70 14.17
N GLY A 210 12.62 26.30 12.93
CA GLY A 210 13.39 25.11 12.63
C GLY A 210 14.04 25.18 11.27
N SER A 211 15.28 24.69 11.20
CA SER A 211 16.00 24.62 9.94
C SER A 211 15.23 23.84 8.89
N ALA A 212 15.28 24.27 7.65
CA ALA A 212 14.56 23.53 6.62
C ALA A 212 15.20 22.12 6.53
N MET A 213 16.49 22.04 6.76
CA MET A 213 17.16 20.76 6.64
C MET A 213 18.25 20.68 7.71
N GLN A 214 18.27 19.56 8.43
CA GLN A 214 19.32 19.33 9.43
C GLN A 214 20.13 18.08 9.09
N LEU A 215 21.45 18.22 9.21
CA LEU A 215 22.44 17.16 8.87
C LEU A 215 23.50 17.03 9.96
N ARG A 216 23.72 15.83 10.51
CA ARG A 216 24.77 15.59 11.53
C ARG A 216 25.52 14.39 11.05
N GLY A 217 26.84 14.42 11.09
CA GLY A 217 27.60 13.25 10.65
C GLY A 217 28.82 13.16 11.54
N SER A 218 29.51 12.03 11.53
CA SER A 218 30.73 11.95 12.31
C SER A 218 31.80 11.18 11.59
N GLU A 219 32.31 11.82 10.54
CA GLU A 219 33.26 11.28 9.58
C GLU A 219 34.63 11.47 10.16
N LYS A 220 35.48 10.46 9.97
CA LYS A 220 36.87 10.53 10.41
C LYS A 220 37.64 11.42 9.47
N ALA A 221 37.41 11.31 8.17
CA ALA A 221 38.23 11.96 7.18
C ALA A 221 37.47 12.44 5.92
N LEU A 222 36.19 12.70 6.05
CA LEU A 222 35.38 13.18 4.93
C LEU A 222 34.59 14.37 5.42
N GLY A 223 33.84 15.02 4.54
CA GLY A 223 32.89 16.03 4.95
C GLY A 223 31.54 15.42 5.33
N THR A 224 30.88 16.01 6.31
CA THR A 224 29.55 15.56 6.63
C THR A 224 28.67 15.69 5.39
N LEU A 225 28.80 16.79 4.67
CA LEU A 225 28.08 16.94 3.42
C LEU A 225 29.18 17.03 2.42
N LYS A 226 29.15 16.22 1.36
CA LYS A 226 30.12 16.37 0.25
C LYS A 226 29.42 16.77 -1.03
N ILE A 227 29.82 17.88 -1.65
CA ILE A 227 29.19 18.32 -2.91
C ILE A 227 30.20 18.35 -4.02
N THR A 228 29.86 17.80 -5.17
CA THR A 228 30.77 17.87 -6.28
C THR A 228 30.03 18.49 -7.42
N HIS A 229 30.63 19.51 -8.00
CA HIS A 229 30.17 19.96 -9.29
C HIS A 229 31.10 19.42 -10.37
N GLU A 230 30.48 18.84 -11.39
CA GLU A 230 31.18 18.35 -12.57
C GLU A 230 30.75 19.12 -13.81
N ASN A 231 31.70 19.65 -14.57
CA ASN A 231 31.36 20.37 -15.84
C ASN A 231 30.54 19.48 -16.72
N PRO A 232 29.35 19.96 -17.14
CA PRO A 232 28.45 19.24 -18.05
C PRO A 232 29.04 19.12 -19.48
N SER A 233 30.02 19.98 -19.80
CA SER A 233 30.63 20.06 -21.13
C SER A 233 32.16 19.80 -21.12
N ILE A 234 32.70 19.35 -22.26
CA ILE A 234 34.16 19.23 -22.39
C ILE A 234 34.83 20.61 -22.51
N GLY A 235 34.03 21.62 -22.89
CA GLY A 235 34.49 23.00 -22.89
C GLY A 235 34.94 23.57 -21.53
N ALA A 236 36.25 23.77 -21.41
CA ALA A 236 36.89 24.32 -20.23
C ALA A 236 36.17 25.45 -19.48
N ASP A 237 35.40 26.29 -20.18
CA ASP A 237 34.82 27.43 -19.48
C ASP A 237 33.32 27.59 -19.72
N TYR A 238 32.72 26.51 -20.17
CA TYR A 238 31.30 26.45 -20.37
C TYR A 238 30.58 26.70 -19.04
N ASP A 239 31.08 26.12 -17.95
CA ASP A 239 30.40 26.20 -16.65
C ASP A 239 30.81 27.40 -15.81
N LYS A 240 31.26 28.46 -16.47
CA LYS A 240 31.90 29.54 -15.75
C LYS A 240 30.92 30.28 -14.85
N ASN A 241 29.64 30.06 -15.03
CA ASN A 241 28.71 30.66 -14.08
C ASN A 241 28.20 29.68 -13.07
N ALA A 242 28.72 28.45 -13.09
CA ALA A 242 28.18 27.42 -12.24
C ALA A 242 28.83 27.53 -10.84
N ALA A 243 28.28 26.81 -9.84
CA ALA A 243 28.93 26.74 -8.50
C ALA A 243 28.55 25.46 -7.81
N ALA A 244 29.41 25.05 -6.88
CA ALA A 244 29.10 23.84 -6.16
C ALA A 244 28.00 24.24 -5.19
N LEU A 245 28.11 25.42 -4.61
CA LEU A 245 27.14 25.85 -3.60
C LEU A 245 26.71 27.26 -3.91
N SER A 246 25.42 27.51 -4.02
CA SER A 246 25.00 28.91 -4.23
C SER A 246 24.01 29.36 -3.14
N ILE A 247 24.20 30.54 -2.60
CA ILE A 247 23.35 31.01 -1.51
C ILE A 247 22.71 32.33 -1.85
N ASP A 248 21.43 32.44 -1.57
CA ASP A 248 20.72 33.73 -1.71
C ASP A 248 19.99 34.03 -0.42
N ILE A 249 19.86 35.31 -0.18
CA ILE A 249 19.32 35.86 1.04
C ILE A 249 18.30 36.94 0.68
N VAL A 250 17.03 36.62 0.87
CA VAL A 250 15.98 37.50 0.37
C VAL A 250 14.95 37.90 1.45
N LYS A 251 14.33 39.05 1.21
CA LYS A 251 13.21 39.54 2.02
C LYS A 251 11.94 38.80 1.70
N LYS A 252 10.98 39.01 2.58
CA LYS A 252 9.66 38.46 2.43
C LYS A 252 9.00 39.32 1.34
N THR A 253 8.14 38.76 0.50
CA THR A 253 7.36 39.60 -0.43
C THR A 253 6.74 40.77 0.38
N ASN A 254 6.91 42.00 -0.07
CA ASN A 254 6.42 43.14 0.70
C ASN A 254 7.00 43.27 2.13
N GLY A 255 8.25 42.86 2.30
CA GLY A 255 8.98 43.10 3.55
C GLY A 255 9.84 44.33 3.38
N ALA A 256 10.37 44.84 4.48
CA ALA A 256 11.30 45.97 4.45
C ALA A 256 12.77 45.55 4.14
N GLY A 257 13.07 44.25 4.18
CA GLY A 257 14.43 43.76 3.91
C GLY A 257 14.83 42.57 4.78
N THR A 258 16.12 42.39 4.93
CA THR A 258 16.56 41.27 5.73
C THR A 258 17.89 41.53 6.37
N ALA A 259 18.15 40.85 7.49
CA ALA A 259 19.41 40.97 8.18
C ALA A 259 20.11 39.59 8.30
N ALA A 260 19.56 38.60 7.59
CA ALA A 260 20.08 37.24 7.69
C ALA A 260 21.54 37.15 7.19
N GLN A 261 22.32 36.29 7.80
CA GLN A 261 23.71 36.09 7.39
C GLN A 261 23.79 35.08 6.26
N GLY A 262 24.90 35.10 5.55
CA GLY A 262 25.07 34.09 4.48
C GLY A 262 25.53 32.78 5.09
N ILE A 263 26.81 32.68 5.40
CA ILE A 263 27.34 31.47 6.01
C ILE A 263 27.86 31.75 7.41
N TYR A 264 27.36 30.97 8.35
CA TYR A 264 27.72 31.11 9.73
C TYR A 264 28.43 29.81 10.15
N ILE A 265 29.66 29.94 10.62
CA ILE A 265 30.46 28.79 11.04
C ILE A 265 30.85 28.95 12.50
N ASN A 266 30.61 27.92 13.31
CA ASN A 266 31.03 27.96 14.69
C ASN A 266 31.58 26.61 15.12
N SER A 267 32.37 26.61 16.19
CA SER A 267 32.66 25.37 16.92
C SER A 267 32.23 25.55 18.39
N THR A 268 31.12 24.98 18.78
CA THR A 268 30.66 25.17 20.15
C THR A 268 31.60 24.47 21.15
N SER A 269 32.26 23.39 20.74
CA SER A 269 33.24 22.80 21.62
C SER A 269 34.69 23.22 21.38
N GLY A 270 34.98 23.92 20.27
CA GLY A 270 36.31 24.47 20.07
C GLY A 270 37.05 23.49 19.24
N THR A 271 37.54 23.90 18.09
CA THR A 271 38.23 22.97 17.23
C THR A 271 39.59 23.56 16.97
N THR A 272 40.56 22.68 16.71
CA THR A 272 41.88 23.16 16.36
C THR A 272 42.04 23.08 14.86
N GLY A 273 41.01 22.62 14.15
CA GLY A 273 41.11 22.61 12.68
C GLY A 273 40.91 23.98 12.03
N LYS A 274 41.26 24.06 10.76
CA LYS A 274 41.11 25.26 9.98
C LYS A 274 39.63 25.43 9.75
N LEU A 275 39.14 26.64 9.96
CA LEU A 275 37.68 26.79 9.92
C LEU A 275 37.21 27.00 8.50
N LEU A 276 38.09 27.52 7.65
CA LEU A 276 37.78 27.67 6.25
C LEU A 276 39.08 27.40 5.48
N ARG A 277 39.06 26.38 4.63
CA ARG A 277 40.24 25.98 3.88
C ARG A 277 39.92 25.90 2.38
N ILE A 278 40.61 26.73 1.60
CA ILE A 278 40.32 26.77 0.17
C ILE A 278 41.52 26.35 -0.63
N ARG A 279 41.36 25.32 -1.45
CA ARG A 279 42.47 24.76 -2.22
C ARG A 279 42.11 24.67 -3.70
N ASN A 280 43.12 24.51 -4.55
CA ASN A 280 42.91 24.31 -5.98
C ASN A 280 43.97 23.30 -6.41
N LEU A 281 43.58 22.25 -7.15
CA LEU A 281 44.56 21.18 -7.45
C LEU A 281 45.25 20.68 -6.18
N SER A 282 44.51 20.59 -5.10
CA SER A 282 45.06 20.11 -3.81
C SER A 282 46.23 20.92 -3.27
N ASP A 283 46.24 22.22 -3.50
CA ASP A 283 47.29 23.06 -2.96
C ASP A 283 46.55 24.17 -2.21
N ASP A 284 46.87 24.40 -0.94
CA ASP A 284 46.27 25.47 -0.14
C ASP A 284 46.40 26.83 -0.83
N LYS A 285 45.30 27.52 -1.03
CA LYS A 285 45.34 28.82 -1.66
C LYS A 285 44.92 29.96 -0.72
N PHE A 286 44.06 29.66 0.25
CA PHE A 286 43.58 30.65 1.12
C PHE A 286 43.02 29.85 2.28
N TYR A 287 43.22 30.33 3.51
CA TYR A 287 42.57 29.63 4.62
C TYR A 287 42.45 30.55 5.81
N VAL A 288 41.46 30.25 6.65
CA VAL A 288 41.28 30.93 7.94
C VAL A 288 41.59 29.97 9.07
N LYS A 289 42.60 30.26 9.86
CA LYS A 289 42.96 29.32 10.94
C LYS A 289 41.92 29.32 12.08
N SER A 290 42.07 28.34 12.99
CA SER A 290 41.14 28.20 14.09
C SER A 290 41.10 29.42 14.97
N ASP A 291 42.16 30.22 14.93
CA ASP A 291 42.21 31.42 15.76
C ASP A 291 41.78 32.69 15.00
N GLY A 292 41.45 32.56 13.72
CA GLY A 292 41.05 33.75 12.99
C GLY A 292 42.09 34.41 12.10
N GLY A 293 43.35 33.95 12.18
CA GLY A 293 44.37 34.41 11.26
C GLY A 293 44.13 33.82 9.89
N PHE A 294 44.38 34.57 8.83
CA PHE A 294 44.18 33.99 7.49
C PHE A 294 45.49 33.96 6.74
N TYR A 295 45.51 33.14 5.69
CA TYR A 295 46.63 33.06 4.76
C TYR A 295 46.10 33.24 3.34
N ALA A 296 46.79 34.05 2.54
CA ALA A 296 46.48 34.10 1.09
C ALA A 296 47.73 33.85 0.23
N LYS A 297 47.65 32.95 -0.75
CA LYS A 297 48.82 32.62 -1.56
C LYS A 297 49.38 33.70 -2.48
N GLU A 298 48.53 34.61 -2.98
CA GLU A 298 48.90 35.61 -3.94
C GLU A 298 48.44 37.03 -3.61
N THR A 299 49.01 37.97 -4.36
CA THR A 299 48.70 39.38 -4.29
C THR A 299 47.21 39.60 -4.22
N SER A 300 46.84 40.52 -3.35
CA SER A 300 45.48 40.71 -2.94
C SER A 300 45.19 42.19 -2.99
N GLN A 301 43.93 42.54 -2.98
CA GLN A 301 43.58 43.94 -3.05
C GLN A 301 42.46 44.30 -2.06
N ILE A 302 42.60 45.47 -1.41
CA ILE A 302 41.50 46.09 -0.65
C ILE A 302 41.20 47.48 -1.23
N ASP A 303 39.95 47.76 -1.59
CA ASP A 303 39.55 49.08 -2.09
C ASP A 303 39.19 49.97 -0.93
N GLY A 304 40.16 50.24 -0.09
CA GLY A 304 39.89 50.81 1.21
C GLY A 304 41.20 50.72 1.98
N ASN A 305 41.18 51.11 3.24
CA ASN A 305 42.33 51.04 4.09
C ASN A 305 42.37 49.69 4.83
N LEU A 306 43.43 49.49 5.61
CA LEU A 306 43.53 48.32 6.44
C LEU A 306 44.02 48.78 7.82
N LYS A 307 43.21 48.53 8.85
CA LYS A 307 43.62 48.87 10.20
C LYS A 307 44.37 47.66 10.73
N LEU A 308 45.59 47.83 11.21
CA LEU A 308 46.31 46.70 11.80
C LEU A 308 47.29 47.21 12.88
N LYS A 309 47.96 46.31 13.61
CA LYS A 309 48.91 46.73 14.67
C LYS A 309 50.24 47.14 14.06
N ASP A 310 50.99 47.93 14.82
CA ASP A 310 52.38 48.34 14.48
C ASP A 310 53.35 47.17 14.22
N PRO A 311 54.18 47.29 13.19
CA PRO A 311 55.02 46.15 12.82
C PRO A 311 56.04 45.83 13.91
N THR A 312 56.38 44.56 14.10
CA THR A 312 57.54 44.24 14.93
C THR A 312 58.59 43.38 14.23
N ALA A 313 58.28 42.87 13.05
CA ALA A 313 59.23 42.05 12.27
C ALA A 313 59.39 42.74 10.93
N ASN A 314 60.44 42.37 10.19
CA ASN A 314 60.79 43.01 8.93
C ASN A 314 59.72 42.87 7.87
N ASP A 315 59.04 41.74 7.89
CA ASP A 315 58.03 41.44 6.86
C ASP A 315 56.61 41.86 7.26
N HIS A 316 56.52 42.57 8.37
CA HIS A 316 55.23 43.07 8.80
C HIS A 316 54.86 44.33 8.02
N ALA A 317 53.59 44.48 7.67
CA ALA A 317 53.16 45.73 7.03
C ALA A 317 53.34 46.84 8.02
N ALA A 318 53.83 47.96 7.54
CA ALA A 318 53.98 49.15 8.37
C ALA A 318 52.69 49.97 8.47
N THR A 319 52.53 50.67 9.60
CA THR A 319 51.41 51.58 9.79
C THR A 319 51.84 53.01 9.56
N LYS A 320 50.86 53.90 9.45
CA LYS A 320 51.11 55.32 9.28
C LYS A 320 51.83 55.81 10.54
N ALA A 321 51.41 55.34 11.69
CA ALA A 321 52.10 55.71 12.93
C ALA A 321 53.58 55.35 12.83
N TYR A 322 53.88 54.10 12.58
CA TYR A 322 55.26 53.70 12.44
C TYR A 322 56.03 54.57 11.42
N VAL A 323 55.45 54.86 10.26
CA VAL A 323 56.16 55.68 9.29
C VAL A 323 56.36 57.10 9.82
N ASP A 324 55.28 57.71 10.28
CA ASP A 324 55.35 59.07 10.79
C ASP A 324 56.38 59.23 11.88
N LYS A 325 56.44 58.26 12.78
CA LYS A 325 57.40 58.28 13.89
C LYS A 325 58.83 58.14 13.40
N ALA A 326 59.07 57.25 12.44
CA ALA A 326 60.44 57.05 11.95
C ALA A 326 60.95 58.30 11.21
N ILE A 327 60.05 58.95 10.50
CA ILE A 327 60.35 60.22 9.86
C ILE A 327 60.61 61.32 10.90
N SER A 328 59.72 61.44 11.86
CA SER A 328 59.87 62.43 12.92
C SER A 328 61.16 62.23 13.75
N GLU A 329 61.53 60.99 14.01
CA GLU A 329 62.83 60.70 14.59
C GLU A 329 63.96 61.22 13.72
N LEU A 330 63.91 60.97 12.41
CA LEU A 330 65.04 61.37 11.55
C LEU A 330 65.14 62.89 11.46
N LYS A 331 63.99 63.55 11.44
CA LYS A 331 63.91 65.01 11.38
C LYS A 331 64.57 65.64 12.60
N LYS A 332 64.28 65.09 13.78
CA LYS A 332 64.90 65.56 15.02
C LYS A 332 66.39 65.37 15.03
N LEU A 333 66.85 64.12 14.93
CA LEU A 333 68.27 63.82 15.06
C LEU A 333 69.04 64.74 14.14
N ILE A 334 68.48 64.93 12.97
CA ILE A 334 69.19 65.52 11.86
C ILE A 334 69.30 67.03 12.04
N LEU A 335 68.28 67.59 12.69
CA LEU A 335 68.30 68.97 13.09
C LEU A 335 69.37 69.12 14.18
N LYS A 336 69.78 67.92 14.68
CA LYS A 336 70.72 67.70 15.72
C LYS A 336 71.03 67.56 17.22
N LYS A 337 69.97 67.67 18.11
CA LYS A 337 70.17 67.70 19.58
C LYS A 337 70.89 68.31 20.83
N HIS A 338 70.85 69.64 20.93
CA HIS A 338 71.11 70.33 22.20
C HIS A 338 69.81 70.90 22.76
C1 GLC B . 14.22 3.41 -20.49
C2 GLC B . 13.30 4.56 -20.76
C3 GLC B . 11.82 3.98 -20.96
C4 GLC B . 11.85 3.07 -22.21
C5 GLC B . 12.91 1.93 -22.00
C6 GLC B . 13.02 1.03 -23.26
O1 GLC B . 13.72 2.75 -19.29
O2 GLC B . 13.37 5.43 -19.62
O3 GLC B . 10.87 5.04 -21.20
O4 GLC B . 10.67 2.37 -22.78
O5 GLC B . 14.24 2.50 -21.64
O6 GLC B . 14.01 0.01 -23.07
C1 GAL B . 9.36 1.99 -22.14
C2 GAL B . 8.61 1.46 -23.42
C3 GAL B . 7.22 0.93 -23.12
C4 GAL B . 7.44 -0.20 -22.04
C5 GAL B . 8.16 0.31 -20.72
C6 GAL B . 8.35 -0.94 -19.77
O2 GAL B . 8.50 2.51 -24.39
O3 GAL B . 6.61 0.42 -24.41
O4 GAL B . 8.14 -1.33 -22.61
O5 GAL B . 9.47 0.84 -21.21
O6 GAL B . 7.65 -0.88 -18.51
C1 GLC C . 29.47 8.08 -5.54
C2 GLC C . 28.58 8.13 -6.80
C3 GLC C . 27.22 7.46 -6.57
C4 GLC C . 27.43 6.06 -5.97
C5 GLC C . 28.17 6.30 -4.64
C6 GLC C . 28.21 5.08 -3.72
O1 GLC C . 29.05 9.02 -4.56
O2 GLC C . 28.41 9.45 -7.31
O3 GLC C . 26.52 7.40 -7.80
O4 GLC C . 26.22 5.35 -5.77
O5 GLC C . 29.47 6.78 -4.94
O6 GLC C . 28.20 5.51 -2.38
C1 GAL C . 25.54 4.83 -6.90
C2 GAL C . 25.15 3.37 -6.66
C3 GAL C . 24.49 2.78 -7.92
C4 GAL C . 23.44 3.71 -8.55
C5 GAL C . 23.80 5.21 -8.46
C6 GAL C . 22.63 6.14 -8.78
O2 GAL C . 26.29 2.66 -6.29
O3 GAL C . 23.86 1.56 -7.59
O4 GAL C . 22.17 3.42 -7.95
O5 GAL C . 24.36 5.55 -7.19
O6 GAL C . 22.76 7.38 -8.10
C1 GLC D . 45.25 16.87 3.33
C2 GLC D . 44.83 16.00 2.13
C3 GLC D . 43.33 16.07 1.81
C4 GLC D . 42.44 16.13 3.05
C5 GLC D . 42.97 17.19 4.01
C6 GLC D . 42.08 17.40 5.23
O1 GLC D . 45.50 18.21 2.93
O2 GLC D . 45.56 16.36 0.97
O3 GLC D . 42.91 14.99 0.99
O4 GLC D . 41.17 16.52 2.57
O5 GLC D . 44.30 16.84 4.40
O6 GLC D . 42.75 18.23 6.17
C1 GAL D . 40.04 15.72 2.81
C2 GAL D . 39.03 16.67 3.42
C3 GAL D . 37.73 15.93 3.68
C4 GAL D . 37.24 15.33 2.35
C5 GAL D . 38.33 14.51 1.65
C6 GAL D . 37.91 14.03 0.24
O2 GAL D . 39.57 17.21 4.62
O3 GAL D . 36.81 16.80 4.30
O4 GAL D . 36.79 16.37 1.50
O5 GAL D . 39.54 15.25 1.57
O6 GAL D . 38.26 12.67 0.03
#